data_8WS9
#
_entry.id   8WS9
#
_cell.length_a   1.00
_cell.length_b   1.00
_cell.length_c   1.00
_cell.angle_alpha   90.00
_cell.angle_beta   90.00
_cell.angle_gamma   90.00
#
_symmetry.space_group_name_H-M   'P 1'
#
loop_
_entity.id
_entity.type
_entity.pdbx_description
1 polymer Cas12-1
2 polymer crRNA
3 polymer TS
4 polymer NTS
#
loop_
_entity_poly.entity_id
_entity_poly.type
_entity_poly.pdbx_seq_one_letter_code
_entity_poly.pdbx_strand_id
1 'polypeptide(L)'
;MTPKTETPVGALIKKFFPGKRFQKNYLKDAGKKLKREGEAAAVEYLSGKQEDHPANFCPPAKVNILAQSRPLSEWPINLV
SKGVQEYVYGLTAAEREANGDFGTSRKSLDRWFARTGVPTHGYTTVQGLNLILRHTFNRYDGVIKKVETRNEKRRSKATR
INVSREADGLPPIEAEPEETAFGPDGKLKERPGINPSIYCYQQVSPVPYNPAKHPALPFSGVDPGAPLPLGTPNRLSIPK
GQPGYVPEWQRPHLSTKNKRIRKWYARANWRRKPGRKSVLDEAKLKEAALKEAIPIIVTIGKDWIVMDARGLLRAVYWRG
IAKPGLSLKELLGFFSGDPVLDPKRGIATFTFKLGAVAVHSRKPTRGKKSKELLLSMTAEKPHVGLVAIDLGQTNPVAAE
FSRVKREGETLQAEPLGQIVLPDDLVKDLTRYRRAWDATEEQIKAEAIVQLPEECRAEVVKVNQMSAEETKHLILDRGVS
GDLPWEKMTSNTTFISDHLLAKGVTDQVFFEKKSKGKKKGTETVKRKDYGWVKLLRPRLSQETRKAVNDKTWELKRASTE
YVRLSRRKTELARRCVNYIVRETKRWTQCEDIAIVIEDLNVRFFHGSGERPDGWDNFFISKRENRWFIQVLHKAFSDLAL
HRGLPVIEANPARTSITCIRCGHCDRNNRHGEMFLCLSCNDLRHADREIATRNLTRVAVTGEMIPRRIEPGEQSGDTKKA
RSARKGKKAVISKREAA
;
A
2 'polyribonucleotide' UCAACGCUUGCUCGGUUCGCCGAGACUCCCCUACGUGCUGCUGAAG B
3 'polydeoxyribonucleotide'
;(DC)(DT)(DG)(DC)(DC)(DC)(DT)(DT)(DG)(DC)(DA)(DA)(DG)(DA)(DA)(DG)(DT)(DC)(DG)(DT)
(DC)(DG)(DT)(DG)(DC)(DA)(DT)(DG)(DG)(DG)(DG)(DA)(DG)(DA)(DA)(DT)(DT)(DG)(DG)(DC)
(DC)(DA)
;
C
4 'polydeoxyribonucleotide'
;(DT)(DG)(DG)(DC)(DC)(DA)(DA)(DT)(DT)(DC)(DT)(DC)(DC)(DC)(DC)(DA)(DT)(DG)(DC)(DA)
(DC)(DG)(DA)(DC)(DG)(DA)(DC)(DT)(DT)(DC)(DT)(DT)(DG)(DC)(DA)(DA)(DG)(DG)(DG)(DC)
(DA)(DG)
;
D
#
loop_
_chem_comp.id
_chem_comp.type
_chem_comp.name
_chem_comp.formula
A RNA linking ADENOSINE-5'-MONOPHOSPHATE 'C10 H14 N5 O7 P'
C RNA linking CYTIDINE-5'-MONOPHOSPHATE 'C9 H14 N3 O8 P'
DA DNA linking 2'-DEOXYADENOSINE-5'-MONOPHOSPHATE 'C10 H14 N5 O6 P'
DC DNA linking 2'-DEOXYCYTIDINE-5'-MONOPHOSPHATE 'C9 H14 N3 O7 P'
DG DNA linking 2'-DEOXYGUANOSINE-5'-MONOPHOSPHATE 'C10 H14 N5 O7 P'
DT DNA linking THYMIDINE-5'-MONOPHOSPHATE 'C10 H15 N2 O8 P'
G RNA linking GUANOSINE-5'-MONOPHOSPHATE 'C10 H14 N5 O8 P'
U RNA linking URIDINE-5'-MONOPHOSPHATE 'C9 H13 N2 O9 P'
#
# COMPACT_ATOMS: atom_id res chain seq x y z
N PHE A 57 14.21 -5.60 -13.21
CA PHE A 57 13.91 -5.39 -11.80
C PHE A 57 12.74 -4.44 -11.61
N CYS A 58 11.86 -4.76 -10.66
CA CYS A 58 10.72 -3.92 -10.35
C CYS A 58 11.00 -3.17 -9.06
N PRO A 59 11.20 -1.85 -9.09
CA PRO A 59 11.43 -1.11 -7.86
C PRO A 59 10.19 -1.11 -6.99
N PRO A 60 10.34 -1.01 -5.68
CA PRO A 60 9.19 -1.06 -4.78
C PRO A 60 8.56 0.33 -4.59
N ALA A 61 7.51 0.36 -3.80
CA ALA A 61 6.81 1.58 -3.40
C ALA A 61 6.10 1.28 -2.10
N LYS A 62 5.73 2.34 -1.37
CA LYS A 62 5.12 2.16 -0.06
C LYS A 62 4.06 3.22 0.19
N VAL A 63 2.83 2.81 0.41
CA VAL A 63 1.72 3.76 0.58
C VAL A 63 0.90 3.39 1.80
N ASN A 64 0.28 4.41 2.39
CA ASN A 64 -0.38 4.31 3.69
C ASN A 64 -1.89 4.16 3.50
N ILE A 65 -2.48 3.21 4.21
CA ILE A 65 -3.94 3.05 4.14
C ILE A 65 -4.62 4.07 5.03
N LEU A 66 -5.90 4.30 4.77
CA LEU A 66 -6.68 5.26 5.54
C LEU A 66 -7.79 4.60 6.34
N ALA A 67 -8.68 3.87 5.70
CA ALA A 67 -9.86 3.33 6.37
C ALA A 67 -10.15 1.92 5.88
N GLN A 68 -10.71 1.11 6.75
CA GLN A 68 -11.13 -0.25 6.45
C GLN A 68 -12.51 -0.50 7.06
N SER A 69 -13.25 -1.42 6.44
CA SER A 69 -14.59 -1.73 6.94
C SER A 69 -14.53 -2.37 8.32
N ARG A 70 -13.71 -3.42 8.42
CA ARG A 70 -13.59 -4.15 9.67
C ARG A 70 -12.08 -4.35 10.02
N PRO A 71 -11.70 -4.84 11.24
CA PRO A 71 -10.28 -5.07 11.55
C PRO A 71 -9.48 -5.76 10.46
N LEU A 72 -8.21 -5.39 10.38
CA LEU A 72 -7.35 -5.89 9.32
C LEU A 72 -7.45 -7.37 9.03
N SER A 73 -7.14 -8.19 10.02
CA SER A 73 -7.13 -9.63 9.81
C SER A 73 -8.51 -10.23 10.10
N GLU A 74 -9.52 -9.71 9.40
CA GLU A 74 -10.87 -10.25 9.50
C GLU A 74 -11.56 -10.39 8.16
N TRP A 75 -10.93 -9.97 7.07
CA TRP A 75 -11.51 -10.19 5.75
C TRP A 75 -11.43 -11.67 5.39
N PRO A 76 -12.37 -12.17 4.58
CA PRO A 76 -12.42 -13.62 4.36
C PRO A 76 -11.34 -14.15 3.46
N ILE A 77 -10.72 -13.32 2.62
CA ILE A 77 -9.56 -13.76 1.87
C ILE A 77 -8.42 -14.11 2.83
N ASN A 78 -8.24 -13.29 3.87
CA ASN A 78 -7.27 -13.64 4.89
C ASN A 78 -7.71 -14.86 5.69
N LEU A 79 -9.01 -14.95 5.99
CA LEU A 79 -9.54 -16.10 6.73
C LEU A 79 -9.41 -17.40 5.94
N VAL A 80 -9.20 -17.32 4.63
CA VAL A 80 -8.92 -18.50 3.81
C VAL A 80 -7.43 -18.75 3.69
N SER A 81 -6.64 -17.70 3.45
CA SER A 81 -5.20 -17.88 3.27
C SER A 81 -4.49 -18.23 4.57
N LYS A 82 -5.15 -18.00 5.70
CA LYS A 82 -4.49 -18.24 6.98
C LYS A 82 -4.33 -19.73 7.27
N GLY A 83 -5.39 -20.51 7.05
CA GLY A 83 -5.35 -21.91 7.44
C GLY A 83 -4.59 -22.78 6.46
N VAL A 84 -4.33 -22.26 5.27
CA VAL A 84 -3.66 -23.05 4.24
C VAL A 84 -2.28 -23.49 4.69
N GLN A 85 -1.49 -22.56 5.22
CA GLN A 85 -0.13 -22.93 5.64
C GLN A 85 -0.17 -23.93 6.79
N GLU A 86 -1.15 -23.80 7.69
CA GLU A 86 -1.30 -24.79 8.76
C GLU A 86 -1.65 -26.16 8.19
N TYR A 87 -2.52 -26.19 7.18
CA TYR A 87 -2.88 -27.47 6.56
C TYR A 87 -1.69 -28.09 5.85
N VAL A 88 -0.90 -27.26 5.16
CA VAL A 88 0.24 -27.78 4.41
C VAL A 88 1.55 -27.50 5.13
N ALA A 98 -3.91 -33.55 1.59
CA ALA A 98 -3.95 -32.33 0.78
C ALA A 98 -4.32 -32.64 -0.66
N ASN A 99 -4.31 -33.94 -1.03
CA ASN A 99 -4.65 -34.37 -2.40
C ASN A 99 -3.58 -34.06 -3.45
N GLY A 100 -3.18 -32.80 -3.57
CA GLY A 100 -2.21 -32.43 -4.58
C GLY A 100 -2.87 -32.18 -5.92
N ASP A 101 -4.20 -32.19 -5.96
CA ASP A 101 -4.91 -31.89 -7.19
C ASP A 101 -5.03 -30.39 -7.33
N PHE A 102 -3.92 -29.73 -7.65
CA PHE A 102 -3.92 -28.28 -7.75
C PHE A 102 -3.85 -27.86 -9.21
N GLY A 103 -4.78 -27.00 -9.63
CA GLY A 103 -4.80 -26.57 -11.02
C GLY A 103 -5.46 -25.21 -11.09
N THR A 104 -5.17 -24.45 -12.13
CA THR A 104 -5.81 -23.16 -12.31
C THR A 104 -7.31 -23.38 -12.50
N SER A 105 -7.67 -24.41 -13.23
CA SER A 105 -9.09 -24.69 -13.49
C SER A 105 -9.96 -24.74 -12.24
N ARG A 106 -11.11 -24.06 -12.28
CA ARG A 106 -12.02 -24.05 -11.13
C ARG A 106 -12.35 -25.46 -10.65
N LYS A 107 -12.46 -26.39 -11.58
CA LYS A 107 -12.82 -27.76 -11.21
C LYS A 107 -11.75 -28.39 -10.34
N SER A 108 -10.49 -28.16 -10.66
CA SER A 108 -9.40 -28.70 -9.85
C SER A 108 -9.34 -27.97 -8.52
N LEU A 109 -9.60 -26.67 -8.53
CA LEU A 109 -9.58 -25.91 -7.29
C LEU A 109 -10.66 -26.39 -6.35
N ASP A 110 -11.84 -26.70 -6.89
CA ASP A 110 -12.93 -27.19 -6.06
C ASP A 110 -12.48 -28.45 -5.35
N ARG A 111 -11.86 -29.37 -6.08
CA ARG A 111 -11.40 -30.61 -5.49
C ARG A 111 -10.34 -30.43 -4.43
N TRP A 112 -9.40 -29.51 -4.65
CA TRP A 112 -8.33 -29.35 -3.68
C TRP A 112 -8.82 -28.75 -2.38
N PHE A 113 -9.78 -27.83 -2.44
CA PHE A 113 -10.17 -27.16 -1.22
C PHE A 113 -11.38 -27.74 -0.50
N ALA A 114 -12.57 -27.56 -1.07
CA ALA A 114 -13.77 -28.02 -0.38
C ALA A 114 -13.83 -29.54 -0.22
N ARG A 115 -13.52 -30.26 -1.29
CA ARG A 115 -13.57 -31.73 -1.25
C ARG A 115 -12.53 -32.32 -0.31
N THR A 116 -11.28 -31.90 -0.43
CA THR A 116 -10.21 -32.46 0.40
C THR A 116 -10.53 -32.25 1.87
N GLY A 117 -11.14 -31.10 2.20
CA GLY A 117 -11.52 -30.86 3.57
C GLY A 117 -11.37 -29.44 4.09
N VAL A 118 -10.34 -28.72 3.67
CA VAL A 118 -10.11 -27.39 4.22
C VAL A 118 -11.27 -26.45 3.90
N PRO A 119 -11.78 -25.73 4.91
CA PRO A 119 -12.94 -24.85 4.71
C PRO A 119 -12.68 -23.58 3.90
N THR A 120 -13.66 -23.15 3.12
CA THR A 120 -13.53 -21.92 2.36
C THR A 120 -14.54 -20.88 2.82
N HIS A 121 -14.08 -19.66 3.07
CA HIS A 121 -14.98 -18.61 3.54
C HIS A 121 -15.61 -17.87 2.37
N GLY A 122 -16.51 -18.53 1.65
CA GLY A 122 -17.17 -17.91 0.52
C GLY A 122 -16.22 -17.35 -0.52
N TYR A 123 -15.13 -18.07 -0.78
CA TYR A 123 -14.16 -17.62 -1.75
C TYR A 123 -13.98 -18.62 -2.88
N THR A 124 -14.13 -18.17 -4.12
CA THR A 124 -14.02 -19.06 -5.27
C THR A 124 -13.27 -18.42 -6.43
N THR A 125 -12.61 -17.29 -6.19
CA THR A 125 -11.93 -16.60 -7.28
C THR A 125 -10.76 -17.44 -7.78
N VAL A 126 -10.68 -17.61 -9.10
CA VAL A 126 -9.65 -18.47 -9.69
C VAL A 126 -8.26 -17.91 -9.41
N GLN A 127 -8.13 -16.58 -9.39
CA GLN A 127 -6.85 -15.97 -9.10
C GLN A 127 -6.60 -15.92 -7.60
N GLY A 128 -7.62 -15.58 -6.82
CA GLY A 128 -7.47 -15.43 -5.38
C GLY A 128 -7.10 -16.72 -4.66
N LEU A 129 -7.30 -17.87 -5.31
CA LEU A 129 -6.89 -19.15 -4.74
C LEU A 129 -5.68 -19.74 -5.46
N ASN A 130 -5.15 -19.06 -6.47
CA ASN A 130 -3.91 -19.53 -7.10
C ASN A 130 -2.74 -18.69 -6.63
N LEU A 131 -3.02 -17.55 -5.98
CA LEU A 131 -1.98 -16.71 -5.41
C LEU A 131 -1.69 -17.03 -3.96
N ILE A 132 -2.45 -17.93 -3.35
CA ILE A 132 -2.23 -18.34 -1.96
C ILE A 132 -1.93 -19.82 -1.84
N LEU A 133 -2.59 -20.67 -2.64
CA LEU A 133 -2.27 -22.10 -2.62
C LEU A 133 -0.91 -22.37 -3.25
N ARG A 134 -0.65 -21.75 -4.41
CA ARG A 134 0.62 -21.95 -5.09
C ARG A 134 1.77 -21.36 -4.30
N HIS A 135 1.54 -20.25 -3.60
CA HIS A 135 2.59 -19.68 -2.74
C HIS A 135 2.87 -20.58 -1.55
N THR A 136 1.83 -21.15 -0.94
CA THR A 136 2.02 -21.95 0.27
C THR A 136 2.84 -23.20 -0.01
N PHE A 137 2.60 -23.87 -1.14
CA PHE A 137 3.38 -25.06 -1.47
C PHE A 137 4.85 -24.72 -1.63
N ASN A 138 5.15 -23.59 -2.26
CA ASN A 138 6.53 -23.12 -2.33
C ASN A 138 7.04 -22.66 -0.97
N ARG A 139 6.14 -22.35 -0.03
CA ARG A 139 6.56 -22.08 1.34
C ARG A 139 6.88 -23.37 2.08
N TYR A 140 6.10 -24.42 1.86
CA TYR A 140 6.38 -25.73 2.43
C TYR A 140 7.52 -26.44 1.70
N ASP A 141 7.84 -26.02 0.49
CA ASP A 141 9.01 -26.48 -0.24
C ASP A 141 10.06 -25.37 -0.19
N GLY A 142 11.17 -25.57 -0.91
CA GLY A 142 12.20 -24.56 -0.93
C GLY A 142 13.00 -24.54 0.35
N VAL A 143 12.32 -24.38 1.48
CA VAL A 143 12.98 -24.53 2.77
C VAL A 143 13.53 -25.95 2.93
N ILE A 144 12.78 -26.94 2.45
CA ILE A 144 13.33 -28.29 2.34
C ILE A 144 14.49 -28.30 1.36
N LYS A 145 14.34 -27.60 0.24
CA LYS A 145 15.46 -27.41 -0.68
C LYS A 145 16.56 -26.58 -0.03
N LYS A 146 16.18 -25.64 0.85
CA LYS A 146 17.19 -24.93 1.63
C LYS A 146 17.89 -25.86 2.61
N VAL A 147 17.14 -26.80 3.19
CA VAL A 147 17.77 -27.89 3.93
C VAL A 147 18.63 -28.72 2.98
N GLU A 148 18.14 -28.94 1.75
CA GLU A 148 18.98 -29.55 0.72
C GLU A 148 20.11 -28.63 0.31
N THR A 149 19.87 -27.32 0.27
CA THR A 149 20.92 -26.38 -0.14
C THR A 149 22.10 -26.44 0.83
N ARG A 150 21.82 -26.42 2.14
CA ARG A 150 22.89 -26.56 3.11
C ARG A 150 23.47 -27.97 3.12
N ASN A 151 22.73 -28.94 2.57
CA ASN A 151 23.19 -30.32 2.46
C ASN A 151 23.57 -30.91 3.81
N PRO A 192 7.99 -19.72 7.83
CA PRO A 192 7.09 -20.43 8.74
C PRO A 192 5.88 -19.58 9.12
N GLY A 193 6.06 -18.27 9.12
CA GLY A 193 5.02 -17.35 9.58
C GLY A 193 3.76 -17.47 8.74
N ILE A 194 2.61 -17.43 9.42
CA ILE A 194 1.32 -17.41 8.74
C ILE A 194 1.08 -15.99 8.25
N ASN A 195 1.48 -15.71 7.02
CA ASN A 195 1.45 -14.36 6.50
C ASN A 195 0.05 -13.97 6.08
N PRO A 196 -0.52 -12.90 6.63
CA PRO A 196 -1.77 -12.38 6.03
C PRO A 196 -1.46 -11.43 4.89
N SER A 197 -0.46 -11.74 4.07
CA SER A 197 -0.04 -10.86 2.99
C SER A 197 -1.03 -11.03 1.85
N ILE A 198 -2.04 -10.17 1.82
CA ILE A 198 -3.11 -10.30 0.83
C ILE A 198 -2.57 -9.85 -0.51
N TYR A 199 -2.16 -10.82 -1.34
CA TYR A 199 -1.62 -10.55 -2.66
C TYR A 199 -2.77 -10.23 -3.59
N CYS A 200 -3.00 -8.94 -3.83
CA CYS A 200 -4.06 -8.54 -4.75
C CYS A 200 -3.68 -8.91 -6.18
N TYR A 201 -4.69 -9.01 -7.04
CA TYR A 201 -4.51 -9.56 -8.37
C TYR A 201 -5.12 -8.60 -9.38
N GLN A 202 -5.24 -9.07 -10.63
CA GLN A 202 -5.73 -8.23 -11.72
C GLN A 202 -7.16 -7.76 -11.46
N GLN A 203 -8.02 -8.66 -10.98
CA GLN A 203 -9.43 -8.34 -10.84
C GLN A 203 -9.70 -7.30 -9.76
N VAL A 204 -8.73 -7.01 -8.89
CA VAL A 204 -8.92 -6.06 -7.80
C VAL A 204 -7.89 -4.94 -7.93
N SER A 205 -7.54 -4.60 -9.16
CA SER A 205 -6.54 -3.57 -9.39
C SER A 205 -7.03 -2.23 -8.86
N PRO A 206 -6.15 -1.40 -8.29
CA PRO A 206 -6.60 -0.12 -7.73
C PRO A 206 -7.08 0.83 -8.82
N VAL A 207 -8.10 1.61 -8.47
CA VAL A 207 -8.59 2.69 -9.33
C VAL A 207 -8.76 3.93 -8.46
N PRO A 208 -8.61 5.14 -9.03
CA PRO A 208 -8.81 6.35 -8.23
C PRO A 208 -10.25 6.44 -7.71
N TYR A 209 -10.39 7.07 -6.54
CA TYR A 209 -11.66 7.14 -5.84
C TYR A 209 -12.67 8.00 -6.61
N ASN A 210 -13.94 7.65 -6.45
CA ASN A 210 -15.05 8.42 -6.98
C ASN A 210 -16.19 8.33 -5.98
N PRO A 211 -17.07 9.35 -5.92
CA PRO A 211 -18.23 9.33 -5.03
C PRO A 211 -19.21 8.21 -5.38
N LEU A 228 -2.15 16.95 -11.70
CA LEU A 228 -2.21 16.94 -10.24
C LEU A 228 -1.79 18.29 -9.68
N PRO A 229 -2.41 18.70 -8.57
CA PRO A 229 -2.06 19.97 -7.95
C PRO A 229 -0.61 19.98 -7.47
N LEU A 230 -0.03 21.19 -7.49
CA LEU A 230 1.34 21.38 -7.05
C LEU A 230 1.48 21.39 -5.53
N GLY A 231 0.38 21.54 -4.80
CA GLY A 231 0.47 21.63 -3.35
C GLY A 231 0.50 23.08 -2.92
N THR A 232 1.60 23.49 -2.31
CA THR A 232 1.82 24.90 -2.00
C THR A 232 2.52 25.55 -3.18
N PRO A 233 1.80 26.32 -4.01
CA PRO A 233 2.42 26.90 -5.21
C PRO A 233 3.55 27.86 -4.90
N ASN A 234 3.48 28.57 -3.78
CA ASN A 234 4.46 29.58 -3.42
C ASN A 234 5.02 29.26 -2.04
N ARG A 235 6.35 29.26 -1.92
CA ARG A 235 6.98 29.06 -0.62
C ARG A 235 7.07 30.35 0.16
N LEU A 236 7.78 31.35 -0.37
CA LEU A 236 7.90 32.63 0.32
C LEU A 236 6.80 33.60 -0.09
N SER A 237 5.55 33.13 -0.08
CA SER A 237 4.41 34.01 -0.29
C SER A 237 3.17 33.33 0.30
N ILE A 238 2.80 33.75 1.51
CA ILE A 238 1.58 33.31 2.17
C ILE A 238 1.17 34.43 3.12
N PRO A 239 -0.13 34.75 3.24
CA PRO A 239 -0.53 35.80 4.18
C PRO A 239 -0.11 35.47 5.60
N LYS A 240 0.32 36.50 6.33
CA LYS A 240 0.84 36.31 7.67
C LYS A 240 -0.27 35.85 8.62
N GLY A 241 0.06 34.84 9.44
CA GLY A 241 -0.85 34.32 10.44
C GLY A 241 -1.64 33.12 9.99
N GLN A 242 -1.88 32.97 8.69
CA GLN A 242 -2.56 31.81 8.17
C GLN A 242 -1.65 30.58 8.30
N PRO A 243 -2.24 29.38 8.33
CA PRO A 243 -1.41 28.17 8.39
C PRO A 243 -0.49 28.06 7.19
N GLY A 244 0.72 27.57 7.44
CA GLY A 244 1.72 27.47 6.41
C GLY A 244 2.57 28.71 6.21
N TYR A 245 2.25 29.80 6.90
CA TYR A 245 2.95 31.06 6.68
C TYR A 245 4.41 30.94 7.08
N VAL A 246 5.29 31.35 6.18
CA VAL A 246 6.73 31.25 6.43
C VAL A 246 7.14 32.31 7.44
N PRO A 247 8.27 32.16 8.12
CA PRO A 247 8.62 33.09 9.20
C PRO A 247 9.01 34.44 8.67
N GLU A 248 9.04 35.42 9.58
CA GLU A 248 9.40 36.78 9.26
C GLU A 248 10.81 37.14 9.70
N TRP A 249 11.37 36.42 10.68
CA TRP A 249 12.70 36.78 11.17
C TRP A 249 13.77 36.60 10.10
N GLN A 250 13.63 35.58 9.25
CA GLN A 250 14.54 35.42 8.12
C GLN A 250 13.84 34.63 7.03
N ARG A 251 13.48 35.32 5.95
CA ARG A 251 13.04 34.67 4.73
C ARG A 251 14.23 34.25 3.86
N PRO A 252 15.29 35.10 3.71
CA PRO A 252 16.46 34.65 2.96
C PRO A 252 17.29 33.62 3.73
N HIS A 253 18.46 33.29 3.18
CA HIS A 253 19.41 32.33 3.74
C HIS A 253 18.93 30.89 3.64
N LEU A 254 18.00 30.62 2.73
CA LEU A 254 17.54 29.26 2.48
C LEU A 254 18.34 28.66 1.32
N SER A 255 17.87 27.53 0.78
CA SER A 255 18.52 26.87 -0.34
C SER A 255 17.50 26.60 -1.43
N THR A 256 17.93 26.76 -2.68
CA THR A 256 17.09 26.53 -3.86
C THR A 256 17.84 25.60 -4.79
N LYS A 257 17.71 24.28 -4.56
CA LYS A 257 18.30 23.27 -5.41
C LYS A 257 17.25 22.27 -5.90
N ASN A 258 15.98 22.68 -5.90
CA ASN A 258 14.86 21.80 -6.25
C ASN A 258 14.83 20.56 -5.37
N LYS A 259 14.82 20.79 -4.06
CA LYS A 259 14.70 19.71 -3.10
C LYS A 259 13.22 19.47 -2.76
N ARG A 260 12.97 18.37 -2.06
CA ARG A 260 11.61 18.02 -1.69
C ARG A 260 11.03 19.05 -0.73
N ILE A 261 9.76 19.38 -0.94
CA ILE A 261 9.06 20.35 -0.10
C ILE A 261 8.15 19.60 0.86
N ARG A 262 8.46 19.70 2.16
CA ARG A 262 7.58 19.10 3.16
C ARG A 262 6.48 20.09 3.52
N LYS A 263 5.23 19.65 3.47
CA LYS A 263 4.11 20.51 3.82
C LYS A 263 4.11 20.82 5.31
N TRP A 264 3.59 21.97 5.71
CA TRP A 264 3.58 22.35 7.12
C TRP A 264 3.06 21.26 8.06
N TYR A 265 2.07 20.47 7.65
CA TYR A 265 1.53 19.45 8.53
C TYR A 265 2.37 18.18 8.58
N ALA A 266 3.44 18.10 7.80
CA ALA A 266 4.29 16.91 7.79
C ALA A 266 4.92 16.72 9.16
N ARG A 267 4.53 15.64 9.85
CA ARG A 267 5.02 15.41 11.20
C ARG A 267 6.50 15.06 11.22
N ALA A 268 7.11 14.78 10.06
CA ALA A 268 8.56 14.62 10.00
C ALA A 268 9.28 15.90 10.38
N ASN A 269 8.61 17.05 10.32
CA ASN A 269 9.17 18.33 10.72
C ASN A 269 8.83 18.70 12.16
N TRP A 270 8.02 17.89 12.86
CA TRP A 270 7.56 18.19 14.20
C TRP A 270 8.06 17.16 15.21
N ARG A 271 9.09 16.40 14.86
CA ARG A 271 9.57 15.33 15.73
C ARG A 271 10.10 15.89 17.04
N ARG A 272 9.89 15.14 18.12
CA ARG A 272 10.24 15.58 19.46
C ARG A 272 11.71 15.34 19.76
N LYS A 273 12.34 16.31 20.40
CA LYS A 273 13.72 16.22 20.86
C LYS A 273 13.89 17.19 22.03
N PRO A 274 14.89 16.99 22.87
CA PRO A 274 15.11 17.94 23.98
C PRO A 274 15.30 19.37 23.52
N GLY A 275 15.98 19.60 22.38
CA GLY A 275 16.15 20.94 21.88
C GLY A 275 14.94 21.49 21.15
N ARG A 276 14.07 20.60 20.67
CA ARG A 276 12.89 21.02 19.92
C ARG A 276 11.72 21.45 20.79
N LYS A 277 10.92 22.38 20.28
CA LYS A 277 9.76 22.88 21.01
C LYS A 277 8.56 22.68 20.10
N SER A 278 7.49 22.08 20.63
CA SER A 278 6.30 21.81 19.83
C SER A 278 5.13 21.51 20.74
N VAL A 279 3.93 21.64 20.19
CA VAL A 279 2.69 21.24 20.86
C VAL A 279 1.91 20.32 19.93
N LEU A 280 2.13 19.02 20.07
CA LEU A 280 1.54 18.05 19.15
C LEU A 280 0.08 17.83 19.46
N ASP A 281 -0.76 17.91 18.43
CA ASP A 281 -2.19 17.62 18.53
C ASP A 281 -2.57 16.70 17.39
N GLU A 282 -3.31 15.63 17.70
CA GLU A 282 -3.69 14.67 16.67
C GLU A 282 -4.67 15.25 15.66
N ALA A 283 -5.31 16.36 15.99
CA ALA A 283 -6.26 16.99 15.07
C ALA A 283 -5.59 18.04 14.20
N LYS A 284 -4.84 18.95 14.80
CA LYS A 284 -4.25 20.05 14.03
C LYS A 284 -3.25 19.53 13.00
N LEU A 285 -2.46 18.52 13.37
CA LEU A 285 -1.40 18.06 12.47
C LEU A 285 -1.87 16.93 11.56
N LYS A 286 -2.54 15.93 12.11
CA LYS A 286 -2.84 14.73 11.34
C LYS A 286 -4.14 14.84 10.54
N GLU A 287 -5.16 15.50 11.09
CA GLU A 287 -6.41 15.64 10.36
C GLU A 287 -6.26 16.52 9.13
N ALA A 288 -5.23 17.36 9.10
CA ALA A 288 -5.00 18.21 7.93
C ALA A 288 -4.59 17.40 6.71
N ALA A 289 -4.15 16.15 6.89
CA ALA A 289 -3.70 15.36 5.75
C ALA A 289 -4.87 14.97 4.85
N LEU A 290 -5.98 14.52 5.45
CA LEU A 290 -7.07 13.97 4.66
C LEU A 290 -7.79 15.03 3.84
N LYS A 291 -7.51 16.31 4.08
CA LYS A 291 -8.12 17.36 3.27
C LYS A 291 -7.67 17.27 1.82
N GLU A 292 -6.37 17.42 1.59
CA GLU A 292 -5.79 17.25 0.26
C GLU A 292 -5.04 15.92 0.16
N ALA A 293 -5.81 14.84 0.24
CA ALA A 293 -5.30 13.49 0.03
C ALA A 293 -5.73 13.00 -1.34
N ILE A 294 -5.06 11.98 -1.84
CA ILE A 294 -5.33 11.40 -3.15
C ILE A 294 -5.79 9.97 -2.96
N PRO A 295 -7.10 9.74 -2.88
CA PRO A 295 -7.61 8.40 -2.58
C PRO A 295 -7.69 7.52 -3.81
N ILE A 296 -7.32 6.25 -3.61
CA ILE A 296 -7.54 5.18 -4.58
C ILE A 296 -8.13 3.99 -3.84
N ILE A 297 -8.93 3.21 -4.55
CA ILE A 297 -9.75 2.17 -3.92
C ILE A 297 -9.39 0.80 -4.47
N VAL A 298 -9.24 -0.16 -3.56
CA VAL A 298 -9.09 -1.57 -3.90
C VAL A 298 -10.28 -2.31 -3.31
N THR A 299 -11.04 -2.98 -4.18
CA THR A 299 -12.29 -3.63 -3.78
C THR A 299 -12.23 -5.11 -4.13
N ILE A 300 -12.41 -5.96 -3.11
CA ILE A 300 -12.50 -7.41 -3.34
C ILE A 300 -13.94 -7.89 -3.41
N GLY A 301 -14.91 -6.98 -3.27
CA GLY A 301 -16.31 -7.34 -3.40
C GLY A 301 -17.13 -6.86 -2.21
N LYS A 302 -16.53 -6.88 -1.02
CA LYS A 302 -17.22 -6.39 0.17
C LYS A 302 -16.26 -5.62 1.06
N ASP A 303 -14.96 -5.77 0.83
CA ASP A 303 -13.94 -5.11 1.65
C ASP A 303 -13.26 -4.05 0.82
N TRP A 304 -13.27 -2.82 1.31
CA TRP A 304 -12.71 -1.67 0.60
C TRP A 304 -11.58 -1.03 1.39
N ILE A 305 -10.49 -0.73 0.70
CA ILE A 305 -9.31 -0.10 1.29
C ILE A 305 -8.95 1.13 0.49
N VAL A 306 -8.81 2.27 1.18
CA VAL A 306 -8.47 3.54 0.56
C VAL A 306 -7.08 3.91 1.03
N MET A 307 -6.12 3.92 0.11
CA MET A 307 -4.74 4.25 0.42
C MET A 307 -4.41 5.67 -0.04
N ASP A 308 -3.30 6.20 0.48
CA ASP A 308 -2.85 7.54 0.16
C ASP A 308 -1.82 7.46 -0.95
N ALA A 309 -2.09 8.16 -2.06
CA ALA A 309 -1.29 8.03 -3.26
C ALA A 309 -0.17 9.07 -3.37
N ARG A 310 -0.09 10.01 -2.44
CA ARG A 310 0.99 10.99 -2.48
C ARG A 310 2.34 10.32 -2.30
N GLY A 311 2.36 9.15 -1.65
CA GLY A 311 3.58 8.35 -1.66
C GLY A 311 3.98 7.93 -3.05
N LEU A 312 3.00 7.52 -3.86
CA LEU A 312 3.28 7.20 -5.26
C LEU A 312 3.74 8.44 -6.03
N LEU A 313 3.12 9.60 -5.75
CA LEU A 313 3.56 10.83 -6.38
C LEU A 313 5.03 11.10 -6.10
N ARG A 314 5.43 11.03 -4.83
CA ARG A 314 6.82 11.28 -4.49
C ARG A 314 7.73 10.22 -5.10
N ALA A 315 7.26 8.97 -5.13
CA ALA A 315 8.08 7.90 -5.70
C ALA A 315 8.33 8.12 -7.18
N VAL A 316 7.35 8.64 -7.91
CA VAL A 316 7.54 8.85 -9.34
C VAL A 316 8.32 10.14 -9.63
N TYR A 317 8.17 11.18 -8.80
CA TYR A 317 9.00 12.36 -8.97
C TYR A 317 10.43 12.15 -8.50
N TRP A 318 10.69 11.15 -7.66
CA TRP A 318 12.03 10.89 -7.16
C TRP A 318 12.93 10.28 -8.23
N ARG A 319 12.37 9.50 -9.14
CA ARG A 319 13.16 8.77 -10.12
C ARG A 319 13.46 9.57 -11.38
N GLY A 320 12.76 10.66 -11.63
CA GLY A 320 13.11 11.52 -12.75
C GLY A 320 11.96 12.05 -13.58
N ILE A 321 10.79 11.40 -13.50
CA ILE A 321 9.66 11.81 -14.33
C ILE A 321 9.21 13.22 -13.95
N ALA A 322 8.89 14.02 -14.96
CA ALA A 322 8.54 15.42 -14.78
C ALA A 322 7.22 15.56 -14.05
N LYS A 323 6.81 16.81 -13.85
CA LYS A 323 5.62 17.14 -13.07
C LYS A 323 4.59 17.83 -13.93
N PRO A 324 3.32 17.68 -13.56
CA PRO A 324 2.23 18.35 -14.26
C PRO A 324 1.65 17.56 -15.41
N GLY A 325 2.46 16.78 -16.13
CA GLY A 325 1.94 15.83 -17.09
C GLY A 325 1.32 14.61 -16.43
N LEU A 326 1.52 14.45 -15.12
CA LEU A 326 0.92 13.34 -14.40
C LEU A 326 -0.46 13.72 -13.91
N SER A 327 -1.46 12.90 -14.24
CA SER A 327 -2.82 13.10 -13.78
C SER A 327 -3.40 11.77 -13.29
N LEU A 328 -4.71 11.73 -13.07
CA LEU A 328 -5.36 10.46 -12.76
C LEU A 328 -5.22 9.51 -13.95
N LYS A 329 -5.24 8.21 -13.65
CA LYS A 329 -5.07 7.13 -14.64
C LYS A 329 -3.68 7.12 -15.25
N GLU A 330 -2.78 8.01 -14.82
CA GLU A 330 -1.42 8.02 -15.31
C GLU A 330 -0.38 7.89 -14.22
N LEU A 331 -0.76 8.01 -12.95
CA LEU A 331 0.14 7.69 -11.86
C LEU A 331 0.22 6.19 -11.65
N LEU A 332 -0.94 5.57 -11.42
CA LEU A 332 -1.01 4.12 -11.16
C LEU A 332 -0.41 3.31 -12.30
N GLY A 333 -0.43 3.83 -13.52
CA GLY A 333 0.07 3.08 -14.65
C GLY A 333 1.53 2.72 -14.52
N PHE A 334 2.33 3.60 -13.91
CA PHE A 334 3.75 3.32 -13.74
C PHE A 334 4.00 2.21 -12.72
N PHE A 335 3.02 1.87 -11.90
CA PHE A 335 3.14 0.84 -10.89
C PHE A 335 2.40 -0.41 -11.31
N SER A 336 2.83 -1.56 -10.82
CA SER A 336 2.16 -2.81 -11.10
C SER A 336 0.77 -2.77 -10.54
N GLY A 337 -0.14 -3.43 -11.23
CA GLY A 337 -1.52 -3.47 -10.82
C GLY A 337 -1.85 -4.45 -9.74
N ASP A 338 -0.84 -5.13 -9.18
CA ASP A 338 -1.02 -6.14 -8.15
C ASP A 338 -0.30 -5.69 -6.89
N PRO A 339 -0.98 -4.98 -5.99
CA PRO A 339 -0.34 -4.58 -4.73
C PRO A 339 -0.25 -5.75 -3.76
N VAL A 340 0.50 -5.53 -2.69
CA VAL A 340 0.65 -6.51 -1.62
C VAL A 340 0.25 -5.80 -0.34
N LEU A 341 -1.03 -5.89 0.01
CA LEU A 341 -1.52 -5.22 1.21
C LEU A 341 -0.99 -5.93 2.45
N ASP A 342 -0.70 -5.14 3.48
CA ASP A 342 -0.22 -5.66 4.76
C ASP A 342 -1.22 -5.32 5.85
N PRO A 343 -2.07 -6.26 6.26
CA PRO A 343 -3.03 -5.99 7.34
C PRO A 343 -2.36 -5.99 8.70
N LYS A 344 -1.21 -5.34 8.77
CA LYS A 344 -0.51 -4.95 9.98
C LYS A 344 0.44 -3.83 9.58
N ARG A 345 0.86 -3.02 10.56
CA ARG A 345 1.75 -1.87 10.31
C ARG A 345 1.04 -0.80 9.50
N GLY A 346 -0.19 -1.06 9.10
CA GLY A 346 -0.98 -0.06 8.39
C GLY A 346 -0.32 0.46 7.13
N ILE A 347 0.34 -0.41 6.40
CA ILE A 347 1.04 0.01 5.19
C ILE A 347 0.75 -0.89 4.02
N ALA A 348 0.89 -0.37 2.81
CA ALA A 348 0.71 -1.19 1.62
C ALA A 348 1.97 -1.00 0.80
N THR A 349 2.25 -1.92 -0.10
CA THR A 349 3.47 -1.85 -0.89
C THR A 349 3.16 -2.14 -2.36
N PHE A 350 3.65 -1.28 -3.25
CA PHE A 350 3.51 -1.43 -4.68
C PHE A 350 4.85 -1.78 -5.32
N THR A 351 4.77 -2.13 -6.60
CA THR A 351 5.94 -2.33 -7.44
C THR A 351 5.72 -1.65 -8.78
N PHE A 352 6.82 -1.23 -9.40
CA PHE A 352 6.74 -0.56 -10.70
C PHE A 352 6.63 -1.60 -11.80
N LYS A 353 6.76 -1.15 -13.05
CA LYS A 353 6.85 -2.01 -14.21
C LYS A 353 8.31 -2.10 -14.65
N LEU A 354 8.55 -2.69 -15.83
CA LEU A 354 9.91 -2.85 -16.31
C LEU A 354 10.60 -1.52 -16.57
N GLY A 355 9.86 -0.43 -16.72
CA GLY A 355 10.43 0.87 -16.96
C GLY A 355 11.06 1.50 -15.72
#